data_7Z2R
#
_entry.id   7Z2R
#
_cell.length_a   33.310
_cell.length_b   136.440
_cell.length_c   54.610
_cell.angle_alpha   90.000
_cell.angle_beta   96.980
_cell.angle_gamma   90.000
#
_symmetry.space_group_name_H-M   'P 1 21 1'
#
loop_
_entity.id
_entity.type
_entity.pdbx_description
1 polymer 'Glutamate receptor ionotropic, delta-1'
2 non-polymer 'SULFATE ION'
3 water water
#
_entity_poly.entity_id   1
_entity_poly.type   'polypeptide(L)'
_entity_poly.pdbx_seq_one_letter_code
;GGLTLKVVTVLEEPFVMVAENILGQPKRYKGFSIDVLDALAKALGFKYEIYQAPDGRYGHQLHNTSWNGMIGELISKRAD
LAISAITITPERESVVDFSKRYMDYSVGILIKKGTPVRTFQDLSKQLEMSYGTVRDSAVYEYFRAKGTNPLEQDSTFAEL
WRTISKNGGADNCVSNPSEGIRKAKKGNYAFLWDVAVVEYAALTDDDCSVTVIGNSISSKGYGIALQHGSPYRDLFSQRI
LELQDTGDLDVLKQKWWPHTGRCDLT
;
_entity_poly.pdbx_strand_id   A,B
#
loop_
_chem_comp.id
_chem_comp.type
_chem_comp.name
_chem_comp.formula
SO4 non-polymer 'SULFATE ION' 'O4 S -2'
#
# COMPACT_ATOMS: atom_id res chain seq x y z
N GLY A 1 28.26 -21.83 0.67
CA GLY A 1 27.13 -22.22 1.55
C GLY A 1 26.38 -21.03 2.12
N GLY A 2 25.07 -21.20 2.26
CA GLY A 2 24.19 -20.18 2.79
C GLY A 2 23.51 -19.39 1.70
N LEU A 3 22.36 -18.81 2.06
CA LEU A 3 21.58 -18.01 1.13
C LEU A 3 22.14 -16.61 0.98
N THR A 4 21.85 -16.01 -0.17
CA THR A 4 22.11 -14.60 -0.44
C THR A 4 20.78 -13.88 -0.55
N LEU A 5 20.66 -12.73 0.13
CA LEU A 5 19.47 -11.91 0.07
C LEU A 5 19.77 -10.61 -0.66
N LYS A 6 18.80 -10.13 -1.42
CA LYS A 6 18.94 -8.87 -2.14
C LYS A 6 18.36 -7.76 -1.27
N VAL A 7 19.17 -6.77 -0.95
CA VAL A 7 18.80 -5.69 -0.05
C VAL A 7 18.71 -4.39 -0.84
N VAL A 8 17.58 -3.71 -0.73
CA VAL A 8 17.41 -2.39 -1.30
C VAL A 8 17.60 -1.37 -0.19
N THR A 9 18.21 -0.23 -0.51
CA THR A 9 18.57 0.74 0.49
C THR A 9 18.49 2.15 -0.10
N VAL A 10 18.64 3.14 0.77
CA VAL A 10 18.71 4.54 0.39
C VAL A 10 19.78 5.20 1.23
N LEU A 11 20.59 6.06 0.62
CA LEU A 11 21.67 6.70 1.33
C LEU A 11 21.12 7.68 2.35
N GLU A 12 21.57 7.55 3.60
CA GLU A 12 21.04 8.36 4.70
C GLU A 12 22.12 8.40 5.78
N GLU A 13 22.83 9.52 5.87
CA GLU A 13 23.87 9.69 6.88
C GLU A 13 23.31 9.57 8.31
N PRO A 14 23.98 8.81 9.18
CA PRO A 14 25.09 7.88 8.99
C PRO A 14 24.63 6.42 8.91
N PHE A 15 23.37 6.21 8.52
CA PHE A 15 22.82 4.86 8.45
C PHE A 15 23.44 4.09 7.29
N VAL A 16 23.36 4.64 6.08
CA VAL A 16 23.90 4.00 4.90
C VAL A 16 24.66 5.04 4.08
N MET A 17 25.88 4.70 3.68
CA MET A 17 26.73 5.59 2.90
C MET A 17 27.55 4.76 1.93
N VAL A 18 28.06 5.41 0.89
CA VAL A 18 28.93 4.74 -0.07
C VAL A 18 30.34 4.71 0.49
N ALA A 19 30.97 3.53 0.44
CA ALA A 19 32.33 3.35 0.95
C ALA A 19 33.31 3.58 -0.19
N GLU A 20 34.57 3.14 -0.02
CA GLU A 20 35.57 3.28 -1.06
C GLU A 20 35.09 2.64 -2.36
N ASN A 21 35.49 3.23 -3.48
CA ASN A 21 35.06 2.73 -4.78
C ASN A 21 36.00 3.23 -5.87
N ILE A 22 36.15 2.42 -6.90
CA ILE A 22 36.77 2.82 -8.16
C ILE A 22 35.65 2.97 -9.18
N LEU A 23 35.61 4.11 -9.87
CA LEU A 23 34.55 4.36 -10.83
C LEU A 23 34.43 3.20 -11.81
N GLY A 24 33.23 2.67 -11.93
CA GLY A 24 32.95 1.55 -12.81
C GLY A 24 32.76 0.23 -12.08
N GLN A 25 33.24 0.11 -10.86
CA GLN A 25 33.14 -1.12 -10.08
C GLN A 25 31.93 -1.08 -9.17
N PRO A 26 31.50 -2.23 -8.65
CA PRO A 26 30.35 -2.25 -7.76
C PRO A 26 30.59 -1.41 -6.52
N LYS A 27 29.51 -0.84 -5.98
CA LYS A 27 29.59 0.03 -4.82
C LYS A 27 29.53 -0.78 -3.52
N ARG A 28 30.40 -0.42 -2.58
CA ARG A 28 30.32 -0.90 -1.21
C ARG A 28 29.55 0.11 -0.36
N TYR A 29 29.10 -0.36 0.81
CA TYR A 29 28.31 0.49 1.70
C TYR A 29 28.80 0.35 3.13
N LYS A 30 28.61 1.42 3.89
CA LYS A 30 29.00 1.49 5.29
C LYS A 30 27.93 2.27 6.05
N GLY A 31 27.99 2.19 7.37
CA GLY A 31 27.09 2.92 8.23
C GLY A 31 26.48 2.05 9.30
N PHE A 32 25.70 2.69 10.16
CA PHE A 32 25.08 1.99 11.28
C PHE A 32 24.17 0.86 10.80
N SER A 33 23.26 1.17 9.89
CA SER A 33 22.38 0.13 9.35
C SER A 33 23.17 -0.98 8.67
N ILE A 34 24.32 -0.65 8.07
CA ILE A 34 25.14 -1.67 7.43
C ILE A 34 25.81 -2.55 8.47
N ASP A 35 26.25 -1.96 9.58
CA ASP A 35 26.85 -2.77 10.64
C ASP A 35 25.80 -3.68 11.28
N VAL A 36 24.59 -3.17 11.47
CA VAL A 36 23.49 -4.00 11.96
C VAL A 36 23.25 -5.15 11.00
N LEU A 37 23.18 -4.84 9.69
CA LEU A 37 22.93 -5.86 8.70
C LEU A 37 24.03 -6.92 8.68
N ASP A 38 25.28 -6.50 8.87
CA ASP A 38 26.38 -7.46 8.94
C ASP A 38 26.28 -8.34 10.17
N ALA A 39 25.91 -7.75 11.31
CA ALA A 39 25.74 -8.54 12.53
C ALA A 39 24.65 -9.58 12.33
N LEU A 40 23.54 -9.20 11.68
CA LEU A 40 22.47 -10.15 11.42
C LEU A 40 22.89 -11.20 10.39
N ALA A 41 23.73 -10.82 9.42
CA ALA A 41 24.21 -11.78 8.44
C ALA A 41 25.13 -12.81 9.09
N LYS A 42 25.94 -12.38 10.05
CA LYS A 42 26.76 -13.32 10.80
C LYS A 42 25.91 -14.20 11.69
N ALA A 43 24.95 -13.61 12.40
CA ALA A 43 24.12 -14.38 13.32
C ALA A 43 23.29 -15.43 12.58
N LEU A 44 22.76 -15.07 11.41
CA LEU A 44 21.88 -15.97 10.67
C LEU A 44 22.56 -16.61 9.46
N GLY A 45 23.85 -16.35 9.26
CA GLY A 45 24.59 -17.04 8.22
C GLY A 45 24.04 -16.86 6.82
N PHE A 46 23.95 -15.61 6.36
CA PHE A 46 23.51 -15.34 5.00
C PHE A 46 24.38 -14.25 4.39
N LYS A 47 24.43 -14.25 3.06
CA LYS A 47 25.10 -13.23 2.27
C LYS A 47 24.07 -12.23 1.76
N TYR A 48 24.55 -11.09 1.26
CA TYR A 48 23.63 -10.10 0.73
C TYR A 48 24.31 -9.24 -0.34
N GLU A 49 23.48 -8.75 -1.26
CA GLU A 49 23.88 -7.82 -2.30
C GLU A 49 22.99 -6.59 -2.21
N ILE A 50 23.61 -5.42 -2.10
CA ILE A 50 22.89 -4.17 -1.88
C ILE A 50 22.72 -3.43 -3.20
N TYR A 51 21.56 -2.79 -3.37
CA TYR A 51 21.35 -1.84 -4.44
C TYR A 51 20.47 -0.71 -3.94
N GLN A 52 20.72 0.49 -4.47
CA GLN A 52 19.91 1.65 -4.11
C GLN A 52 18.60 1.65 -4.88
N ALA A 53 17.53 2.07 -4.21
CA ALA A 53 16.24 2.14 -4.86
C ALA A 53 16.36 2.99 -6.13
N PRO A 54 15.85 2.51 -7.27
CA PRO A 54 16.03 3.27 -8.53
C PRO A 54 15.58 4.71 -8.43
N ASP A 55 14.59 5.02 -7.61
CA ASP A 55 14.09 6.37 -7.44
C ASP A 55 14.62 7.05 -6.19
N GLY A 56 15.50 6.39 -5.44
CA GLY A 56 16.06 7.00 -4.24
C GLY A 56 15.03 7.32 -3.18
N ARG A 57 13.89 6.63 -3.20
CA ARG A 57 12.78 6.94 -2.31
C ARG A 57 12.57 5.82 -1.30
N TYR A 58 12.17 6.20 -0.09
CA TYR A 58 11.66 5.21 0.86
C TYR A 58 10.39 4.58 0.32
N GLY A 59 9.50 5.38 -0.25
CA GLY A 59 8.28 4.90 -0.87
C GLY A 59 7.01 5.54 -0.37
N HIS A 60 6.05 5.71 -1.26
CA HIS A 60 4.73 6.20 -0.93
C HIS A 60 3.71 5.47 -1.80
N GLN A 61 2.48 5.41 -1.31
CA GLN A 61 1.42 4.77 -2.08
C GLN A 61 0.95 5.72 -3.18
N LEU A 62 0.92 5.21 -4.41
CA LEU A 62 0.47 5.99 -5.56
C LEU A 62 -1.04 5.86 -5.72
N HIS A 63 -1.60 6.74 -6.55
CA HIS A 63 -3.04 6.77 -6.73
C HIS A 63 -3.61 5.45 -7.25
N ASN A 64 -2.78 4.61 -7.87
CA ASN A 64 -3.21 3.33 -8.40
C ASN A 64 -3.02 2.18 -7.42
N THR A 65 -2.80 2.49 -6.14
CA THR A 65 -2.59 1.54 -5.04
C THR A 65 -1.21 0.88 -5.07
N SER A 66 -0.36 1.21 -6.04
CA SER A 66 0.99 0.71 -6.03
C SER A 66 1.88 1.62 -5.20
N TRP A 67 3.03 1.08 -4.78
CA TRP A 67 4.02 1.80 -4.00
C TRP A 67 5.29 1.97 -4.82
N ASN A 68 5.94 3.11 -4.66
CA ASN A 68 7.24 3.35 -5.26
C ASN A 68 8.32 3.16 -4.21
N GLY A 69 9.56 3.42 -4.59
CA GLY A 69 10.65 3.35 -3.65
C GLY A 69 10.90 1.94 -3.13
N MET A 70 11.56 1.90 -1.97
CA MET A 70 11.95 0.62 -1.37
C MET A 70 10.73 -0.25 -1.09
N ILE A 71 9.67 0.34 -0.52
CA ILE A 71 8.47 -0.44 -0.23
C ILE A 71 7.95 -1.09 -1.51
N GLY A 72 7.93 -0.32 -2.61
CA GLY A 72 7.55 -0.90 -3.88
C GLY A 72 8.47 -2.02 -4.31
N GLU A 73 9.77 -1.90 -4.00
CA GLU A 73 10.69 -2.98 -4.31
C GLU A 73 10.37 -4.24 -3.51
N LEU A 74 9.85 -4.08 -2.30
CA LEU A 74 9.48 -5.23 -1.49
C LEU A 74 8.18 -5.86 -1.96
N ILE A 75 7.15 -5.05 -2.22
CA ILE A 75 5.86 -5.58 -2.65
C ILE A 75 6.00 -6.31 -3.98
N SER A 76 6.78 -5.76 -4.90
CA SER A 76 7.04 -6.41 -6.18
C SER A 76 7.99 -7.60 -6.05
N LYS A 77 8.50 -7.88 -4.85
CA LYS A 77 9.39 -9.00 -4.59
C LYS A 77 10.70 -8.88 -5.36
N ARG A 78 11.06 -7.66 -5.79
CA ARG A 78 12.38 -7.43 -6.35
C ARG A 78 13.45 -7.29 -5.29
N ALA A 79 13.08 -7.16 -4.02
CA ALA A 79 14.02 -7.14 -2.92
C ALA A 79 13.51 -8.03 -1.81
N ASP A 80 14.44 -8.66 -1.10
CA ASP A 80 14.10 -9.45 0.09
C ASP A 80 14.09 -8.62 1.35
N LEU A 81 14.94 -7.59 1.42
CA LEU A 81 15.04 -6.73 2.58
C LEU A 81 15.10 -5.29 2.13
N ALA A 82 14.66 -4.39 3.01
CA ALA A 82 14.88 -2.97 2.86
C ALA A 82 15.42 -2.45 4.18
N ILE A 83 16.52 -1.71 4.14
CA ILE A 83 17.14 -1.20 5.35
C ILE A 83 17.79 0.14 5.03
N SER A 84 17.57 1.12 5.91
CA SER A 84 18.21 2.42 5.83
C SER A 84 17.91 3.17 7.12
N ALA A 85 16.99 4.15 7.05
CA ALA A 85 16.41 4.76 8.24
C ALA A 85 14.88 4.70 8.12
N ILE A 86 14.39 3.47 7.93
CA ILE A 86 12.97 3.25 7.64
C ILE A 86 12.22 3.25 8.96
N THR A 87 11.35 4.24 9.15
CA THR A 87 10.49 4.27 10.32
C THR A 87 9.37 3.25 10.18
N ILE A 88 8.99 2.65 11.30
CA ILE A 88 7.93 1.65 11.33
C ILE A 88 6.61 2.40 11.50
N THR A 89 5.87 2.55 10.39
CA THR A 89 4.63 3.29 10.42
C THR A 89 3.45 2.40 10.03
N PRO A 90 2.25 2.72 10.49
CA PRO A 90 1.08 1.91 10.09
C PRO A 90 0.91 1.82 8.59
N GLU A 91 1.06 2.94 7.89
CA GLU A 91 0.89 2.93 6.43
C GLU A 91 1.78 1.87 5.81
N ARG A 92 3.05 1.83 6.21
CA ARG A 92 3.98 0.82 5.69
C ARG A 92 3.67 -0.57 6.21
N GLU A 93 3.31 -0.67 7.50
CA GLU A 93 3.00 -1.98 8.08
C GLU A 93 1.86 -2.69 7.36
N SER A 94 1.01 -1.95 6.65
CA SER A 94 -0.12 -2.57 5.97
C SER A 94 0.28 -3.34 4.72
N VAL A 95 1.46 -3.08 4.17
CA VAL A 95 1.87 -3.71 2.92
C VAL A 95 3.19 -4.48 3.04
N VAL A 96 4.01 -4.22 4.06
CA VAL A 96 5.24 -4.98 4.26
C VAL A 96 5.34 -5.35 5.74
N ASP A 97 6.14 -6.38 6.01
CA ASP A 97 6.38 -6.86 7.36
C ASP A 97 7.67 -6.26 7.89
N PHE A 98 7.62 -5.75 9.11
CA PHE A 98 8.77 -5.10 9.75
C PHE A 98 9.35 -5.98 10.83
N SER A 99 10.66 -5.91 11.00
CA SER A 99 11.30 -6.47 12.17
C SER A 99 11.06 -5.54 13.36
N LYS A 100 11.41 -6.02 14.55
CA LYS A 100 11.39 -5.14 15.72
C LYS A 100 12.51 -4.13 15.62
N ARG A 101 12.26 -2.95 16.19
CA ARG A 101 13.18 -1.83 16.01
C ARG A 101 14.57 -2.17 16.53
N TYR A 102 15.59 -1.70 15.80
CA TYR A 102 16.96 -1.74 16.29
C TYR A 102 17.47 -0.37 16.70
N MET A 103 16.64 0.67 16.58
CA MET A 103 16.95 1.97 17.14
C MET A 103 15.66 2.77 17.22
N ASP A 104 15.64 3.73 18.12
CA ASP A 104 14.49 4.61 18.30
C ASP A 104 14.54 5.79 17.33
N TYR A 105 13.37 6.29 16.98
CA TYR A 105 13.22 7.49 16.17
C TYR A 105 12.39 8.50 16.94
N SER A 106 12.66 9.78 16.69
CA SER A 106 11.89 10.85 17.29
C SER A 106 12.27 12.16 16.62
N VAL A 107 11.53 13.21 16.94
CA VAL A 107 11.73 14.54 16.38
C VAL A 107 12.38 15.41 17.44
N GLY A 108 13.46 16.10 17.07
CA GLY A 108 14.20 16.93 17.99
C GLY A 108 14.49 18.30 17.41
N ILE A 109 15.14 19.12 18.24
CA ILE A 109 15.35 20.55 17.96
C ILE A 109 16.85 20.77 17.75
N LEU A 110 17.23 21.13 16.53
CA LEU A 110 18.57 21.65 16.30
C LEU A 110 18.56 23.12 16.62
N ILE A 111 19.46 23.56 17.50
CA ILE A 111 19.47 24.95 17.93
C ILE A 111 20.86 25.32 18.40
N LYS A 112 21.21 26.59 18.26
CA LYS A 112 22.53 27.04 18.71
C LYS A 112 22.64 26.91 20.23
N LYS A 113 23.88 26.71 20.67
CA LYS A 113 24.16 26.54 22.10
C LYS A 113 23.93 27.83 22.86
N GLY A 114 23.64 27.68 24.16
CA GLY A 114 23.50 28.80 25.07
C GLY A 114 22.08 29.27 25.29
N THR A 115 21.12 28.80 24.49
CA THR A 115 19.74 29.20 24.70
C THR A 115 19.18 28.51 25.94
N PRO A 116 18.16 29.12 26.58
CA PRO A 116 17.54 28.47 27.75
C PRO A 116 16.46 27.48 27.37
N VAL A 117 16.62 26.74 26.28
CA VAL A 117 15.60 25.83 25.78
C VAL A 117 16.06 24.40 26.04
N ARG A 118 15.16 23.60 26.63
CA ARG A 118 15.40 22.20 26.90
C ARG A 118 14.24 21.30 26.49
N THR A 119 13.08 21.86 26.17
CA THR A 119 11.91 21.09 25.81
C THR A 119 11.15 21.79 24.69
N PHE A 120 10.26 21.03 24.05
CA PHE A 120 9.37 21.62 23.06
C PHE A 120 8.42 22.62 23.69
N GLN A 121 8.05 22.40 24.96
CA GLN A 121 7.29 23.40 25.69
C GLN A 121 8.05 24.70 25.79
N ASP A 122 9.30 24.63 26.27
CA ASP A 122 10.16 25.81 26.32
C ASP A 122 10.20 26.51 24.96
N LEU A 123 10.51 25.76 23.91
CA LEU A 123 10.55 26.35 22.57
C LEU A 123 9.24 27.05 22.25
N SER A 124 8.11 26.42 22.57
CA SER A 124 6.82 27.04 22.29
C SER A 124 6.62 28.33 23.06
N LYS A 125 7.33 28.52 24.18
CA LYS A 125 7.21 29.75 24.94
C LYS A 125 8.19 30.84 24.51
N GLN A 126 9.13 30.54 23.61
CA GLN A 126 10.13 31.52 23.22
C GLN A 126 9.52 32.62 22.36
N LEU A 127 10.14 33.79 22.41
CA LEU A 127 9.69 34.98 21.70
C LEU A 127 10.65 35.45 20.61
N GLU A 128 11.95 35.20 20.77
CA GLU A 128 12.97 35.79 19.91
C GLU A 128 13.41 34.87 18.78
N MET A 129 13.11 33.58 18.85
CA MET A 129 13.60 32.58 17.92
C MET A 129 12.46 32.02 17.06
N SER A 130 12.62 32.13 15.75
CA SER A 130 11.77 31.44 14.79
C SER A 130 12.15 29.97 14.72
N TYR A 131 11.18 29.13 14.34
CA TYR A 131 11.43 27.69 14.27
C TYR A 131 10.43 27.04 13.33
N GLY A 132 10.83 25.88 12.81
CA GLY A 132 10.00 25.17 11.86
C GLY A 132 10.68 23.90 11.40
N THR A 133 10.10 23.28 10.38
CA THR A 133 10.58 22.00 9.87
C THR A 133 10.50 22.01 8.34
N VAL A 134 10.65 20.83 7.74
CA VAL A 134 10.54 20.71 6.29
C VAL A 134 9.09 20.80 5.87
N ARG A 135 8.82 21.65 4.88
CA ARG A 135 7.45 21.82 4.39
C ARG A 135 6.93 20.51 3.79
N ASP A 136 5.69 20.16 4.17
CA ASP A 136 4.96 19.05 3.55
C ASP A 136 5.66 17.72 3.80
N SER A 137 6.20 17.54 5.00
CA SER A 137 6.87 16.32 5.40
C SER A 137 6.06 15.60 6.47
N ALA A 138 6.40 14.33 6.70
CA ALA A 138 5.73 13.58 7.74
C ALA A 138 5.85 14.27 9.10
N VAL A 139 6.96 14.96 9.34
CA VAL A 139 7.10 15.74 10.57
C VAL A 139 6.16 16.93 10.55
N TYR A 140 6.08 17.62 9.41
CA TYR A 140 5.13 18.72 9.26
C TYR A 140 3.71 18.27 9.55
N GLU A 141 3.31 17.12 8.99
CA GLU A 141 1.97 16.60 9.23
C GLU A 141 1.80 16.12 10.66
N TYR A 142 2.87 15.66 11.31
CA TYR A 142 2.79 15.31 12.72
C TYR A 142 2.47 16.54 13.56
N PHE A 143 3.18 17.64 13.31
CA PHE A 143 2.90 18.87 14.04
C PHE A 143 1.53 19.44 13.67
N ARG A 144 1.07 19.18 12.44
CA ARG A 144 -0.29 19.56 12.08
C ARG A 144 -1.31 18.80 12.92
N ALA A 145 -1.14 17.48 13.02
CA ALA A 145 -2.05 16.66 13.81
C ALA A 145 -2.03 17.10 15.27
N LYS A 146 -0.84 17.20 15.86
CA LYS A 146 -0.73 17.55 17.27
C LYS A 146 -1.23 18.96 17.54
N GLY A 147 -1.08 19.87 16.57
CA GLY A 147 -1.47 21.25 16.77
C GLY A 147 -2.95 21.52 16.67
N THR A 148 -3.69 20.66 15.97
CA THR A 148 -5.13 20.78 15.83
C THR A 148 -5.89 19.80 16.71
N ASN A 149 -5.24 19.26 17.75
CA ASN A 149 -5.84 18.30 18.66
C ASN A 149 -6.36 19.01 19.89
N PRO A 150 -7.67 19.25 20.02
CA PRO A 150 -8.19 19.90 21.23
C PRO A 150 -8.02 19.09 22.51
N LEU A 151 -7.72 17.79 22.42
CA LEU A 151 -7.51 16.96 23.61
C LEU A 151 -6.10 17.11 24.18
N GLU A 152 -5.31 18.05 23.66
CA GLU A 152 -3.93 18.20 24.09
C GLU A 152 -3.90 18.71 25.53
N GLN A 153 -3.07 18.07 26.37
CA GLN A 153 -3.02 18.44 27.78
C GLN A 153 -2.66 19.90 27.98
N ASP A 154 -1.84 20.49 27.10
CA ASP A 154 -1.48 21.89 27.23
C ASP A 154 -1.25 22.48 25.85
N SER A 155 -0.95 23.79 25.83
CA SER A 155 -0.94 24.59 24.61
C SER A 155 0.31 24.40 23.76
N THR A 156 1.29 23.64 24.22
CA THR A 156 2.58 23.56 23.53
C THR A 156 2.42 23.34 22.03
N PHE A 157 1.66 22.31 21.65
CA PHE A 157 1.66 21.90 20.25
C PHE A 157 0.80 22.81 19.38
N ALA A 158 -0.25 23.41 19.94
CA ALA A 158 -1.01 24.41 19.21
C ALA A 158 -0.13 25.61 18.87
N GLU A 159 0.69 26.05 19.81
CA GLU A 159 1.62 27.15 19.55
C GLU A 159 2.67 26.75 18.53
N LEU A 160 3.35 25.62 18.76
CA LEU A 160 4.33 25.14 17.79
C LEU A 160 3.74 25.13 16.39
N TRP A 161 2.51 24.63 16.24
CA TRP A 161 1.88 24.60 14.92
C TRP A 161 1.58 26.00 14.42
N ARG A 162 1.17 26.91 15.30
CA ARG A 162 0.89 28.28 14.89
C ARG A 162 2.14 28.92 14.27
N THR A 163 3.30 28.65 14.83
CA THR A 163 4.52 29.20 14.24
C THR A 163 4.96 28.42 13.01
N ILE A 164 4.83 27.10 13.04
CA ILE A 164 5.30 26.26 11.94
C ILE A 164 4.49 26.53 10.68
N SER A 165 3.17 26.57 10.81
CA SER A 165 2.27 26.68 9.66
C SER A 165 2.04 28.14 9.23
N LYS A 166 2.84 29.07 9.74
CA LYS A 166 2.65 30.49 9.41
C LYS A 166 2.63 30.70 7.91
N ASN A 167 1.59 31.38 7.43
CA ASN A 167 1.45 31.70 6.01
C ASN A 167 1.59 30.44 5.15
N GLY A 168 0.75 29.45 5.47
CA GLY A 168 0.81 28.18 4.75
C GLY A 168 2.09 27.41 4.92
N GLY A 169 2.93 27.77 5.89
CA GLY A 169 4.22 27.15 6.08
C GLY A 169 5.34 27.76 5.28
N ALA A 170 5.10 28.88 4.59
CA ALA A 170 6.13 29.49 3.77
C ALA A 170 7.18 30.21 4.61
N ASP A 171 6.76 30.88 5.69
CA ASP A 171 7.63 31.81 6.39
C ASP A 171 8.69 31.10 7.22
N ASN A 172 8.33 30.02 7.91
CA ASN A 172 9.18 29.46 8.95
C ASN A 172 9.67 28.05 8.65
N CYS A 173 9.23 27.43 7.56
CA CYS A 173 9.68 26.10 7.20
C CYS A 173 10.71 26.17 6.07
N VAL A 174 11.42 25.06 5.90
CA VAL A 174 12.47 24.95 4.90
C VAL A 174 12.10 23.89 3.89
N SER A 175 12.91 23.72 2.85
CA SER A 175 12.59 22.81 1.76
C SER A 175 13.25 21.44 1.90
N ASN A 176 14.33 21.32 2.67
CA ASN A 176 15.01 20.06 2.85
C ASN A 176 15.84 20.14 4.12
N PRO A 177 16.30 19.00 4.64
CA PRO A 177 17.04 19.04 5.91
C PRO A 177 18.29 19.89 5.87
N SER A 178 18.98 19.96 4.74
CA SER A 178 20.20 20.77 4.66
C SER A 178 19.88 22.25 4.91
N GLU A 179 18.81 22.76 4.28
CA GLU A 179 18.44 24.15 4.48
C GLU A 179 18.11 24.44 5.94
N GLY A 180 17.43 23.51 6.61
CA GLY A 180 17.09 23.71 8.01
C GLY A 180 18.30 23.63 8.93
N ILE A 181 19.16 22.64 8.69
CA ILE A 181 20.39 22.52 9.48
C ILE A 181 21.22 23.79 9.36
N ARG A 182 21.52 24.21 8.12
CA ARG A 182 22.31 25.42 7.92
C ARG A 182 21.60 26.63 8.53
N LYS A 183 20.28 26.71 8.38
CA LYS A 183 19.57 27.86 8.91
C LYS A 183 19.64 27.90 10.43
N ALA A 184 19.66 26.73 11.08
CA ALA A 184 19.82 26.69 12.53
C ALA A 184 21.25 27.05 12.93
N LYS A 185 22.23 26.67 12.11
CA LYS A 185 23.60 27.09 12.36
C LYS A 185 23.77 28.59 12.20
N LYS A 186 22.94 29.20 11.34
CA LYS A 186 23.04 30.63 11.09
C LYS A 186 22.77 31.43 12.36
N GLY A 187 22.04 30.87 13.31
CA GLY A 187 21.96 31.40 14.67
C GLY A 187 20.58 31.87 15.10
N ASN A 188 19.68 32.16 14.16
CA ASN A 188 18.36 32.67 14.52
C ASN A 188 17.26 31.76 13.99
N TYR A 189 17.42 30.45 14.18
CA TYR A 189 16.42 29.49 13.74
C TYR A 189 16.63 28.17 14.47
N ALA A 190 15.53 27.51 14.83
CA ALA A 190 15.54 26.17 15.39
C ALA A 190 14.87 25.22 14.42
N PHE A 191 15.56 24.13 14.08
CA PHE A 191 15.11 23.18 13.06
C PHE A 191 14.58 21.92 13.71
N LEU A 192 13.30 21.62 13.50
CA LEU A 192 12.65 20.45 14.09
C LEU A 192 12.70 19.30 13.09
N TRP A 193 13.40 18.23 13.43
CA TRP A 193 13.62 17.16 12.46
C TRP A 193 14.13 15.91 13.18
N ASP A 194 14.19 14.80 12.44
CA ASP A 194 14.71 13.53 12.92
C ASP A 194 15.89 13.73 13.87
N VAL A 195 15.79 13.14 15.07
CA VAL A 195 16.83 13.31 16.07
C VAL A 195 18.14 12.70 15.60
N ALA A 196 18.08 11.58 14.87
CA ALA A 196 19.31 10.94 14.44
C ALA A 196 20.05 11.79 13.41
N VAL A 197 19.35 12.26 12.39
CA VAL A 197 19.97 13.09 11.35
C VAL A 197 20.52 14.36 11.96
N VAL A 198 19.67 15.09 12.68
CA VAL A 198 20.08 16.35 13.27
C VAL A 198 21.24 16.15 14.24
N GLU A 199 21.21 15.06 15.01
CA GLU A 199 22.28 14.77 15.95
C GLU A 199 23.59 14.51 15.23
N TYR A 200 23.54 13.80 14.10
CA TYR A 200 24.75 13.65 13.31
C TYR A 200 25.25 14.99 12.80
N ALA A 201 24.31 15.87 12.40
CA ALA A 201 24.70 17.20 11.93
C ALA A 201 25.40 17.99 13.01
N ALA A 202 24.94 17.86 14.27
CA ALA A 202 25.59 18.59 15.36
C ALA A 202 26.93 17.99 15.72
N LEU A 203 27.04 16.65 15.73
CA LEU A 203 28.28 16.01 16.11
C LEU A 203 29.40 16.30 15.12
N THR A 204 29.06 16.57 13.86
CA THR A 204 30.06 16.82 12.83
C THR A 204 30.22 18.31 12.53
N ASP A 205 29.60 19.17 13.32
CA ASP A 205 29.72 20.62 13.08
C ASP A 205 31.13 21.08 13.42
N ASP A 206 31.77 21.74 12.44
CA ASP A 206 33.14 22.21 12.64
C ASP A 206 33.22 23.29 13.71
N ASP A 207 32.23 24.20 13.72
CA ASP A 207 32.23 25.28 14.71
C ASP A 207 31.66 24.84 16.06
N CYS A 208 31.12 23.63 16.15
CA CYS A 208 30.53 23.13 17.40
C CYS A 208 29.55 24.16 17.98
N SER A 209 28.71 24.71 17.10
CA SER A 209 27.83 25.80 17.47
C SER A 209 26.40 25.37 17.76
N VAL A 210 26.03 24.13 17.46
CA VAL A 210 24.65 23.67 17.62
C VAL A 210 24.59 22.51 18.59
N THR A 211 23.37 22.23 19.05
CA THR A 211 23.08 21.11 19.94
C THR A 211 21.66 20.64 19.64
N VAL A 212 21.37 19.43 20.09
CA VAL A 212 20.09 18.78 19.84
C VAL A 212 19.31 18.65 21.13
N ILE A 213 18.10 19.21 21.14
CA ILE A 213 17.13 19.03 22.21
C ILE A 213 16.23 17.88 21.79
N GLY A 214 16.44 16.70 22.36
CA GLY A 214 15.63 15.54 22.01
C GLY A 214 14.59 15.22 23.07
N ASN A 215 13.38 15.76 22.93
CA ASN A 215 12.35 15.59 23.93
C ASN A 215 11.46 14.38 23.69
N SER A 216 11.81 13.54 22.71
CA SER A 216 11.18 12.22 22.55
C SER A 216 9.71 12.32 22.18
N ILE A 217 9.38 13.19 21.21
CA ILE A 217 8.04 13.22 20.65
C ILE A 217 8.07 12.59 19.27
N SER A 218 6.89 12.19 18.80
CA SER A 218 6.77 11.41 17.56
C SER A 218 7.68 10.19 17.61
N SER A 219 7.70 9.53 18.78
CA SER A 219 8.64 8.45 19.01
C SER A 219 8.18 7.20 18.26
N LYS A 220 8.94 6.82 17.23
CA LYS A 220 8.71 5.54 16.57
C LYS A 220 10.00 4.73 16.62
N GLY A 221 10.15 3.75 15.75
CA GLY A 221 11.38 2.98 15.68
C GLY A 221 11.81 2.78 14.25
N TYR A 222 13.13 2.66 14.07
CA TYR A 222 13.69 2.24 12.80
C TYR A 222 13.69 0.71 12.76
N GLY A 223 13.20 0.14 11.67
CA GLY A 223 13.14 -1.29 11.54
C GLY A 223 13.62 -1.74 10.17
N ILE A 224 13.78 -3.05 10.04
CA ILE A 224 14.07 -3.67 8.76
C ILE A 224 12.75 -4.11 8.15
N ALA A 225 12.50 -3.71 6.91
CA ALA A 225 11.28 -4.07 6.21
C ALA A 225 11.55 -5.28 5.32
N LEU A 226 10.62 -6.23 5.36
CA LEU A 226 10.68 -7.43 4.56
C LEU A 226 9.38 -7.60 3.79
N GLN A 227 9.39 -8.51 2.84
CA GLN A 227 8.18 -8.80 2.08
C GLN A 227 7.07 -9.24 3.02
N HIS A 228 5.83 -8.91 2.65
CA HIS A 228 4.68 -9.41 3.39
C HIS A 228 4.72 -10.94 3.45
N GLY A 229 4.53 -11.48 4.64
CA GLY A 229 4.58 -12.92 4.81
C GLY A 229 5.96 -13.52 4.69
N SER A 230 7.01 -12.75 4.91
CA SER A 230 8.36 -13.27 4.82
C SER A 230 8.62 -14.28 5.93
N PRO A 231 9.29 -15.39 5.64
CA PRO A 231 9.63 -16.36 6.70
C PRO A 231 10.83 -15.97 7.55
N TYR A 232 11.51 -14.87 7.21
CA TYR A 232 12.70 -14.44 7.94
C TYR A 232 12.43 -13.32 8.93
N ARG A 233 11.25 -12.71 8.92
CA ARG A 233 11.01 -11.55 9.76
C ARG A 233 11.16 -11.90 11.23
N ASP A 234 10.64 -13.04 11.66
CA ASP A 234 10.73 -13.41 13.07
C ASP A 234 12.18 -13.64 13.49
N LEU A 235 12.98 -14.28 12.63
CA LEU A 235 14.39 -14.48 12.94
C LEU A 235 15.10 -13.14 13.07
N PHE A 236 14.88 -12.24 12.11
CA PHE A 236 15.48 -10.91 12.19
C PHE A 236 15.09 -10.21 13.49
N SER A 237 13.80 -10.26 13.83
CA SER A 237 13.33 -9.62 15.05
C SER A 237 14.04 -10.17 16.27
N GLN A 238 14.05 -11.49 16.42
CA GLN A 238 14.67 -12.10 17.60
C GLN A 238 16.16 -11.76 17.66
N ARG A 239 16.86 -11.90 16.54
CA ARG A 239 18.29 -11.57 16.51
C ARG A 239 18.52 -10.11 16.90
N ILE A 240 17.63 -9.22 16.47
CA ILE A 240 17.77 -7.81 16.83
C ILE A 240 17.58 -7.63 18.32
N LEU A 241 16.56 -8.27 18.90
CA LEU A 241 16.37 -8.19 20.34
C LEU A 241 17.60 -8.69 21.08
N GLU A 242 18.23 -9.75 20.57
CA GLU A 242 19.40 -10.30 21.26
C GLU A 242 20.62 -9.39 21.12
N LEU A 243 20.76 -8.70 19.97
CA LEU A 243 21.83 -7.71 19.84
C LEU A 243 21.58 -6.52 20.75
N GLN A 244 20.31 -6.12 20.88
CA GLN A 244 19.94 -5.05 21.79
C GLN A 244 20.27 -5.42 23.23
N ASP A 245 20.05 -6.68 23.60
CA ASP A 245 20.26 -7.11 24.98
C ASP A 245 21.71 -7.48 25.27
N THR A 246 22.52 -7.74 24.25
CA THR A 246 23.91 -8.13 24.46
C THR A 246 24.87 -6.95 24.52
N GLY A 247 24.41 -5.75 24.15
CA GLY A 247 25.25 -4.57 24.18
C GLY A 247 25.86 -4.14 22.86
N ASP A 248 25.66 -4.92 21.79
CA ASP A 248 26.31 -4.60 20.52
C ASP A 248 25.65 -3.39 19.85
N LEU A 249 24.32 -3.28 19.96
CA LEU A 249 23.63 -2.16 19.33
C LEU A 249 24.10 -0.83 19.91
N ASP A 250 24.30 -0.76 21.22
CA ASP A 250 24.82 0.48 21.80
C ASP A 250 26.24 0.77 21.34
N VAL A 251 27.05 -0.27 21.14
CA VAL A 251 28.42 -0.03 20.66
C VAL A 251 28.39 0.52 19.24
N LEU A 252 27.56 -0.04 18.36
CA LEU A 252 27.48 0.49 17.00
C LEU A 252 26.88 1.90 17.00
N LYS A 253 25.85 2.12 17.81
CA LYS A 253 25.25 3.45 17.93
C LYS A 253 26.31 4.47 18.33
N GLN A 254 27.09 4.17 19.38
CA GLN A 254 28.18 5.07 19.75
C GLN A 254 29.22 5.18 18.65
N LYS A 255 29.36 4.13 17.83
CA LYS A 255 30.32 4.17 16.73
C LYS A 255 29.94 5.24 15.72
N TRP A 256 28.68 5.28 15.31
CA TRP A 256 28.26 6.19 14.25
C TRP A 256 27.69 7.50 14.77
N TRP A 257 27.46 7.62 16.08
CA TRP A 257 27.11 8.90 16.70
C TRP A 257 28.10 9.13 17.83
N PRO A 258 29.36 9.47 17.51
CA PRO A 258 30.42 9.55 18.52
C PRO A 258 30.24 10.70 19.49
N GLY B 1 -9.84 -21.30 -41.26
CA GLY B 1 -9.42 -20.14 -42.10
C GLY B 1 -8.99 -18.94 -41.28
N GLY B 2 -9.32 -18.98 -39.99
CA GLY B 2 -8.99 -17.90 -39.08
C GLY B 2 -8.22 -18.44 -37.88
N LEU B 3 -7.59 -17.53 -37.14
CA LEU B 3 -6.84 -17.95 -35.98
C LEU B 3 -7.81 -18.41 -34.88
N THR B 4 -7.33 -19.32 -34.05
CA THR B 4 -8.03 -19.75 -32.84
C THR B 4 -7.19 -19.33 -31.64
N LEU B 5 -7.83 -18.69 -30.67
CA LEU B 5 -7.15 -18.25 -29.46
C LEU B 5 -7.65 -19.06 -28.27
N LYS B 6 -6.75 -19.38 -27.35
CA LYS B 6 -7.10 -20.11 -26.14
C LYS B 6 -7.35 -19.12 -25.01
N VAL B 7 -8.56 -19.18 -24.45
CA VAL B 7 -9.01 -18.25 -23.42
C VAL B 7 -9.15 -19.00 -22.12
N VAL B 8 -8.51 -18.48 -21.06
CA VAL B 8 -8.68 -19.00 -19.71
C VAL B 8 -9.67 -18.11 -18.98
N THR B 9 -10.48 -18.72 -18.11
CA THR B 9 -11.56 -17.98 -17.46
C THR B 9 -11.79 -18.53 -16.07
N VAL B 10 -12.62 -17.81 -15.31
CA VAL B 10 -13.06 -18.22 -13.99
C VAL B 10 -14.54 -17.87 -13.86
N LEU B 11 -15.31 -18.78 -13.29
CA LEU B 11 -16.75 -18.57 -13.18
C LEU B 11 -17.06 -17.45 -12.20
N GLU B 12 -17.85 -16.48 -12.66
CA GLU B 12 -18.14 -15.29 -11.85
C GLU B 12 -19.47 -14.71 -12.33
N GLU B 13 -20.52 -14.96 -11.54
CA GLU B 13 -21.84 -14.41 -11.85
C GLU B 13 -21.81 -12.89 -11.85
N PRO B 14 -22.37 -12.23 -12.88
CA PRO B 14 -22.89 -12.73 -14.16
C PRO B 14 -21.89 -12.56 -15.30
N PHE B 15 -20.61 -12.44 -14.95
CA PHE B 15 -19.58 -12.23 -15.98
C PHE B 15 -19.37 -13.48 -16.81
N VAL B 16 -19.10 -14.62 -16.17
CA VAL B 16 -18.91 -15.89 -16.86
C VAL B 16 -19.67 -16.97 -16.10
N MET B 17 -20.42 -17.78 -16.83
CA MET B 17 -21.19 -18.86 -16.24
C MET B 17 -21.21 -20.02 -17.22
N VAL B 18 -21.49 -21.21 -16.69
CA VAL B 18 -21.61 -22.40 -17.54
C VAL B 18 -23.01 -22.45 -18.13
N ALA B 19 -23.08 -22.72 -19.43
CA ALA B 19 -24.36 -22.78 -20.11
C ALA B 19 -24.90 -24.20 -20.07
N GLU B 20 -26.04 -24.43 -20.71
CA GLU B 20 -26.65 -25.74 -20.70
C GLU B 20 -25.72 -26.77 -21.34
N ASN B 21 -25.62 -27.93 -20.70
CA ASN B 21 -24.60 -28.90 -21.04
C ASN B 21 -25.14 -30.31 -20.79
N ILE B 22 -24.72 -31.24 -21.64
CA ILE B 22 -24.99 -32.66 -21.44
C ILE B 22 -23.75 -33.27 -20.80
N LEU B 23 -23.91 -33.84 -19.61
CA LEU B 23 -22.79 -34.43 -18.89
C LEU B 23 -21.96 -35.31 -19.82
N GLY B 24 -20.65 -35.06 -19.85
CA GLY B 24 -19.73 -35.80 -20.69
C GLY B 24 -19.26 -35.04 -21.91
N GLN B 25 -20.01 -34.04 -22.34
CA GLN B 25 -19.67 -33.25 -23.52
C GLN B 25 -18.95 -31.99 -23.10
N PRO B 26 -18.29 -31.30 -24.04
CA PRO B 26 -17.56 -30.09 -23.67
C PRO B 26 -18.47 -29.03 -23.07
N LYS B 27 -17.90 -28.22 -22.18
CA LYS B 27 -18.67 -27.19 -21.51
C LYS B 27 -18.74 -25.93 -22.36
N ARG B 28 -19.87 -25.24 -22.30
CA ARG B 28 -20.09 -23.97 -22.97
C ARG B 28 -20.37 -22.90 -21.93
N TYR B 29 -20.16 -21.65 -22.31
CA TYR B 29 -20.17 -20.56 -21.35
C TYR B 29 -21.02 -19.39 -21.84
N LYS B 30 -21.57 -18.66 -20.89
CA LYS B 30 -22.41 -17.50 -21.15
C LYS B 30 -22.09 -16.43 -20.11
N GLY B 31 -22.55 -15.21 -20.37
CA GLY B 31 -22.40 -14.10 -19.45
C GLY B 31 -21.91 -12.85 -20.15
N PHE B 32 -21.81 -11.78 -19.37
CA PHE B 32 -21.43 -10.48 -19.92
C PHE B 32 -20.05 -10.55 -20.56
N SER B 33 -19.05 -11.03 -19.82
CA SER B 33 -17.71 -11.14 -20.38
C SER B 33 -17.68 -12.05 -21.60
N ILE B 34 -18.54 -13.06 -21.63
CA ILE B 34 -18.59 -13.95 -22.78
C ILE B 34 -19.19 -13.23 -23.99
N ASP B 35 -20.20 -12.39 -23.75
CA ASP B 35 -20.77 -11.63 -24.86
C ASP B 35 -19.77 -10.61 -25.40
N VAL B 36 -19.01 -9.96 -24.52
CA VAL B 36 -17.96 -9.06 -24.97
C VAL B 36 -16.93 -9.83 -25.80
N LEU B 37 -16.52 -11.00 -25.29
CA LEU B 37 -15.54 -11.81 -26.01
C LEU B 37 -16.07 -12.22 -27.39
N ASP B 38 -17.37 -12.53 -27.47
CA ASP B 38 -17.95 -12.89 -28.76
C ASP B 38 -17.98 -11.70 -29.71
N ALA B 39 -18.31 -10.51 -29.19
CA ALA B 39 -18.32 -9.33 -30.04
C ALA B 39 -16.93 -9.04 -30.60
N LEU B 40 -15.89 -9.19 -29.77
CA LEU B 40 -14.54 -9.02 -30.25
C LEU B 40 -14.13 -10.12 -31.22
N ALA B 41 -14.62 -11.35 -30.99
CA ALA B 41 -14.29 -12.45 -31.89
C ALA B 41 -14.91 -12.24 -33.26
N LYS B 42 -16.13 -11.72 -33.33
CA LYS B 42 -16.72 -11.42 -34.63
C LYS B 42 -16.04 -10.22 -35.27
N ALA B 43 -15.79 -9.17 -34.48
CA ALA B 43 -15.20 -7.95 -35.04
C ALA B 43 -13.82 -8.24 -35.63
N LEU B 44 -13.04 -9.09 -34.98
CA LEU B 44 -11.69 -9.38 -35.41
C LEU B 44 -11.57 -10.72 -36.12
N GLY B 45 -12.68 -11.43 -36.32
CA GLY B 45 -12.69 -12.64 -37.12
C GLY B 45 -11.76 -13.73 -36.63
N PHE B 46 -11.95 -14.18 -35.38
CA PHE B 46 -11.15 -15.26 -34.85
C PHE B 46 -12.04 -16.20 -34.04
N LYS B 47 -11.58 -17.43 -33.91
CA LYS B 47 -12.21 -18.42 -33.05
C LYS B 47 -11.48 -18.47 -31.72
N TYR B 48 -12.10 -19.11 -30.74
CA TYR B 48 -11.46 -19.25 -29.44
C TYR B 48 -11.98 -20.50 -28.75
N GLU B 49 -11.15 -21.05 -27.87
CA GLU B 49 -11.50 -22.20 -27.05
C GLU B 49 -11.30 -21.83 -25.59
N ILE B 50 -12.35 -22.03 -24.78
CA ILE B 50 -12.33 -21.62 -23.38
C ILE B 50 -12.01 -22.82 -22.51
N TYR B 51 -11.22 -22.59 -21.47
CA TYR B 51 -11.02 -23.55 -20.40
C TYR B 51 -10.91 -22.79 -19.09
N GLN B 52 -11.39 -23.41 -18.02
CA GLN B 52 -11.31 -22.80 -16.70
C GLN B 52 -9.91 -22.97 -16.13
N ALA B 53 -9.44 -21.95 -15.43
CA ALA B 53 -8.11 -22.02 -14.83
C ALA B 53 -8.01 -23.30 -14.00
N PRO B 54 -6.94 -24.10 -14.16
CA PRO B 54 -6.88 -25.38 -13.44
C PRO B 54 -7.10 -25.26 -11.96
N ASP B 55 -6.70 -24.14 -11.35
CA ASP B 55 -6.93 -23.91 -9.92
C ASP B 55 -8.12 -22.99 -9.66
N GLY B 56 -8.82 -22.57 -10.71
CA GLY B 56 -10.00 -21.73 -10.54
C GLY B 56 -9.75 -20.40 -9.88
N ARG B 57 -8.56 -19.84 -10.02
CA ARG B 57 -8.21 -18.59 -9.36
C ARG B 57 -7.74 -17.56 -10.38
N TYR B 58 -7.89 -16.29 -10.01
CA TYR B 58 -7.42 -15.20 -10.87
C TYR B 58 -5.90 -15.19 -10.96
N GLY B 59 -5.22 -15.32 -9.82
CA GLY B 59 -3.78 -15.41 -9.80
C GLY B 59 -3.12 -14.34 -8.95
N HIS B 60 -2.04 -14.72 -8.25
CA HIS B 60 -1.22 -13.77 -7.54
C HIS B 60 0.22 -14.25 -7.58
N GLN B 61 1.15 -13.33 -7.36
CA GLN B 61 2.56 -13.69 -7.36
C GLN B 61 2.87 -14.53 -6.12
N LEU B 62 3.52 -15.67 -6.35
CA LEU B 62 3.88 -16.56 -5.26
C LEU B 62 5.24 -16.17 -4.69
N HIS B 63 5.56 -16.75 -3.52
CA HIS B 63 6.82 -16.44 -2.87
C HIS B 63 8.01 -16.71 -3.79
N ASN B 64 7.86 -17.62 -4.74
CA ASN B 64 8.92 -17.97 -5.67
C ASN B 64 8.91 -17.10 -6.93
N THR B 65 8.15 -16.00 -6.94
CA THR B 65 8.02 -15.05 -8.04
C THR B 65 7.21 -15.60 -9.21
N SER B 66 6.71 -16.82 -9.13
CA SER B 66 5.80 -17.34 -10.15
C SER B 66 4.37 -16.93 -9.83
N TRP B 67 3.52 -17.00 -10.85
CA TRP B 67 2.11 -16.64 -10.70
C TRP B 67 1.25 -17.88 -10.92
N ASN B 68 0.19 -17.98 -10.14
CA ASN B 68 -0.80 -19.03 -10.28
C ASN B 68 -2.04 -18.49 -11.00
N GLY B 69 -3.05 -19.34 -11.15
CA GLY B 69 -4.30 -18.91 -11.73
C GLY B 69 -4.18 -18.48 -13.19
N MET B 70 -5.16 -17.65 -13.59
CA MET B 70 -5.21 -17.19 -14.97
C MET B 70 -3.93 -16.45 -15.35
N ILE B 71 -3.43 -15.58 -14.47
CA ILE B 71 -2.19 -14.86 -14.76
C ILE B 71 -1.07 -15.86 -15.04
N GLY B 72 -0.97 -16.91 -14.24
CA GLY B 72 0.01 -17.95 -14.52
C GLY B 72 -0.22 -18.61 -15.85
N GLU B 73 -1.49 -18.76 -16.27
CA GLU B 73 -1.77 -19.32 -17.58
C GLU B 73 -1.31 -18.39 -18.70
N LEU B 74 -1.36 -17.07 -18.49
CA LEU B 74 -0.90 -16.14 -19.51
C LEU B 74 0.62 -16.08 -19.56
N ILE B 75 1.27 -15.96 -18.41
CA ILE B 75 2.74 -15.88 -18.39
C ILE B 75 3.34 -17.14 -18.98
N SER B 76 2.77 -18.30 -18.64
CA SER B 76 3.22 -19.56 -19.22
C SER B 76 2.82 -19.71 -20.68
N LYS B 77 2.08 -18.75 -21.23
CA LYS B 77 1.71 -18.74 -22.64
C LYS B 77 0.84 -19.94 -23.03
N ARG B 78 0.22 -20.60 -22.04
CA ARG B 78 -0.75 -21.63 -22.32
C ARG B 78 -2.10 -21.06 -22.71
N ALA B 79 -2.30 -19.76 -22.53
CA ALA B 79 -3.52 -19.09 -22.96
C ALA B 79 -3.14 -17.78 -23.65
N ASP B 80 -3.97 -17.38 -24.62
CA ASP B 80 -3.80 -16.09 -25.28
C ASP B 80 -4.56 -14.99 -24.57
N LEU B 81 -5.69 -15.31 -23.95
CA LEU B 81 -6.53 -14.33 -23.28
C LEU B 81 -6.96 -14.87 -21.92
N ALA B 82 -7.22 -13.95 -21.00
CA ALA B 82 -7.90 -14.26 -19.75
C ALA B 82 -9.00 -13.25 -19.55
N ILE B 83 -10.21 -13.74 -19.29
CA ILE B 83 -11.37 -12.85 -19.15
C ILE B 83 -12.32 -13.44 -18.12
N SER B 84 -12.80 -12.59 -17.22
CA SER B 84 -13.83 -12.94 -16.25
C SER B 84 -14.32 -11.66 -15.60
N ALA B 85 -13.86 -11.38 -14.38
CA ALA B 85 -14.04 -10.08 -13.75
C ALA B 85 -12.68 -9.56 -13.27
N ILE B 86 -11.73 -9.50 -14.20
CA ILE B 86 -10.34 -9.17 -13.87
C ILE B 86 -10.20 -7.66 -13.77
N THR B 87 -9.91 -7.18 -12.57
CA THR B 87 -9.60 -5.78 -12.39
C THR B 87 -8.20 -5.46 -12.93
N ILE B 88 -8.04 -4.26 -13.46
CA ILE B 88 -6.76 -3.80 -13.99
C ILE B 88 -5.98 -3.23 -12.81
N THR B 89 -5.01 -4.01 -12.31
CA THR B 89 -4.23 -3.63 -11.15
C THR B 89 -2.76 -3.49 -11.53
N PRO B 90 -2.00 -2.66 -10.80
CA PRO B 90 -0.57 -2.51 -11.13
C PRO B 90 0.21 -3.82 -11.12
N GLU B 91 0.04 -4.62 -10.07
CA GLU B 91 0.77 -5.88 -9.97
C GLU B 91 0.53 -6.75 -11.20
N ARG B 92 -0.72 -6.86 -11.64
CA ARG B 92 -1.01 -7.66 -12.83
C ARG B 92 -0.46 -6.98 -14.07
N GLU B 93 -0.58 -5.66 -14.16
CA GLU B 93 -0.06 -4.93 -15.31
C GLU B 93 1.43 -5.13 -15.49
N SER B 94 2.16 -5.47 -14.41
CA SER B 94 3.60 -5.65 -14.53
C SER B 94 3.98 -6.97 -15.20
N VAL B 95 3.04 -7.92 -15.30
CA VAL B 95 3.35 -9.22 -15.87
C VAL B 95 2.47 -9.60 -17.06
N VAL B 96 1.32 -8.96 -17.25
CA VAL B 96 0.46 -9.22 -18.40
C VAL B 96 0.02 -7.89 -18.99
N ASP B 97 -0.38 -7.94 -20.26
CA ASP B 97 -0.88 -6.77 -20.97
C ASP B 97 -2.41 -6.76 -20.90
N PHE B 98 -2.97 -5.60 -20.60
CA PHE B 98 -4.41 -5.44 -20.44
C PHE B 98 -4.98 -4.67 -21.62
N SER B 99 -6.21 -5.04 -21.99
CA SER B 99 -7.00 -4.20 -22.86
C SER B 99 -7.56 -3.04 -22.06
N LYS B 100 -8.14 -2.07 -22.75
CA LYS B 100 -8.86 -1.01 -22.06
C LYS B 100 -10.12 -1.58 -21.44
N ARG B 101 -10.55 -0.99 -20.33
CA ARG B 101 -11.65 -1.54 -19.57
C ARG B 101 -12.92 -1.58 -20.40
N TYR B 102 -13.71 -2.65 -20.24
CA TYR B 102 -15.05 -2.73 -20.80
C TYR B 102 -16.13 -2.56 -19.74
N MET B 103 -15.75 -2.35 -18.48
CA MET B 103 -16.68 -2.02 -17.41
C MET B 103 -15.91 -1.40 -16.26
N ASP B 104 -16.61 -0.60 -15.46
CA ASP B 104 -16.03 -0.03 -14.26
C ASP B 104 -16.18 -0.99 -13.09
N TYR B 105 -15.24 -0.92 -12.15
CA TYR B 105 -15.25 -1.71 -10.94
C TYR B 105 -15.22 -0.79 -9.72
N SER B 106 -15.80 -1.26 -8.62
CA SER B 106 -15.73 -0.52 -7.37
C SER B 106 -16.32 -1.37 -6.26
N VAL B 107 -16.15 -0.89 -5.03
CA VAL B 107 -16.64 -1.55 -3.83
C VAL B 107 -17.88 -0.82 -3.34
N GLY B 108 -18.94 -1.58 -3.06
CA GLY B 108 -20.19 -1.01 -2.60
C GLY B 108 -20.73 -1.74 -1.39
N ILE B 109 -21.86 -1.23 -0.91
CA ILE B 109 -22.46 -1.66 0.34
C ILE B 109 -23.76 -2.39 0.02
N LEU B 110 -23.78 -3.70 0.27
CA LEU B 110 -25.01 -4.48 0.26
C LEU B 110 -25.69 -4.38 1.61
N ILE B 111 -26.96 -4.01 1.62
CA ILE B 111 -27.67 -3.83 2.88
C ILE B 111 -29.15 -4.00 2.63
N LYS B 112 -29.82 -4.66 3.57
CA LYS B 112 -31.26 -4.83 3.48
C LYS B 112 -31.95 -3.46 3.41
N LYS B 113 -32.97 -3.36 2.56
CA LYS B 113 -33.72 -2.12 2.44
C LYS B 113 -34.22 -1.69 3.81
N GLY B 114 -34.39 -0.38 3.98
CA GLY B 114 -34.90 0.16 5.23
C GLY B 114 -33.84 0.55 6.23
N THR B 115 -32.58 0.24 5.97
CA THR B 115 -31.51 0.55 6.89
C THR B 115 -31.27 2.06 6.95
N PRO B 116 -30.80 2.58 8.10
CA PRO B 116 -30.52 4.03 8.16
C PRO B 116 -29.13 4.39 7.66
N VAL B 117 -28.63 3.66 6.67
CA VAL B 117 -27.32 3.89 6.08
C VAL B 117 -27.51 4.30 4.63
N ARG B 118 -26.82 5.38 4.22
CA ARG B 118 -26.85 5.82 2.83
C ARG B 118 -25.47 6.12 2.27
N THR B 119 -24.43 6.21 3.11
CA THR B 119 -23.07 6.47 2.66
C THR B 119 -22.13 5.66 3.54
N PHE B 120 -20.87 5.54 3.10
CA PHE B 120 -19.86 4.91 3.94
C PHE B 120 -19.68 5.67 5.25
N GLN B 121 -19.91 6.98 5.22
CA GLN B 121 -19.85 7.78 6.44
C GLN B 121 -20.94 7.34 7.43
N ASP B 122 -22.19 7.29 6.95
CA ASP B 122 -23.28 6.80 7.80
C ASP B 122 -22.94 5.44 8.38
N LEU B 123 -22.54 4.50 7.53
CA LEU B 123 -22.18 3.17 8.02
C LEU B 123 -21.13 3.25 9.11
N SER B 124 -20.12 4.10 8.92
CA SER B 124 -19.08 4.23 9.94
C SER B 124 -19.64 4.79 11.24
N LYS B 125 -20.69 5.59 11.16
CA LYS B 125 -21.22 6.27 12.35
C LYS B 125 -22.29 5.45 13.08
N GLN B 126 -22.17 4.13 13.16
CA GLN B 126 -23.14 3.36 13.95
C GLN B 126 -22.62 1.96 14.21
N LEU B 127 -22.53 1.59 15.50
CA LEU B 127 -22.18 0.23 15.89
C LEU B 127 -23.37 -0.72 15.83
N GLU B 128 -24.60 -0.18 15.83
CA GLU B 128 -25.79 -1.03 15.73
C GLU B 128 -25.71 -1.99 14.56
N MET B 129 -24.86 -1.70 13.58
CA MET B 129 -24.77 -2.46 12.34
C MET B 129 -23.42 -3.15 12.30
N SER B 130 -23.43 -4.47 12.21
CA SER B 130 -22.20 -5.18 11.87
C SER B 130 -21.95 -5.03 10.37
N TYR B 131 -20.68 -5.02 9.99
CA TYR B 131 -20.36 -4.89 8.58
C TYR B 131 -18.93 -5.34 8.34
N GLY B 132 -18.67 -5.76 7.10
CA GLY B 132 -17.37 -6.27 6.75
C GLY B 132 -17.36 -6.73 5.31
N THR B 133 -16.29 -7.44 4.95
CA THR B 133 -16.11 -7.93 3.59
C THR B 133 -15.55 -9.34 3.68
N VAL B 134 -15.09 -9.85 2.54
CA VAL B 134 -14.46 -11.17 2.51
C VAL B 134 -13.07 -11.06 3.12
N ARG B 135 -12.77 -11.92 4.08
CA ARG B 135 -11.43 -11.96 4.65
C ARG B 135 -10.49 -12.70 3.71
N ASP B 136 -9.27 -12.18 3.59
CA ASP B 136 -8.35 -12.61 2.54
C ASP B 136 -8.94 -12.18 1.19
N SER B 137 -9.06 -10.87 1.00
CA SER B 137 -9.51 -10.33 -0.27
C SER B 137 -8.80 -9.01 -0.50
N ALA B 138 -8.74 -8.59 -1.77
CA ALA B 138 -8.18 -7.28 -2.08
C ALA B 138 -8.95 -6.17 -1.39
N VAL B 139 -10.26 -6.37 -1.18
CA VAL B 139 -11.08 -5.35 -0.54
C VAL B 139 -10.68 -5.19 0.92
N TYR B 140 -10.47 -6.31 1.62
CA TYR B 140 -10.01 -6.24 3.00
C TYR B 140 -8.73 -5.43 3.11
N GLU B 141 -7.77 -5.68 2.22
CA GLU B 141 -6.51 -4.95 2.25
C GLU B 141 -6.70 -3.50 1.86
N TYR B 142 -7.69 -3.20 1.01
CA TYR B 142 -8.02 -1.82 0.69
C TYR B 142 -8.50 -1.06 1.92
N PHE B 143 -9.43 -1.66 2.66
CA PHE B 143 -9.90 -1.03 3.89
C PHE B 143 -8.79 -0.97 4.93
N ARG B 144 -7.84 -1.90 4.88
CA ARG B 144 -6.66 -1.79 5.73
C ARG B 144 -5.85 -0.55 5.38
N ALA B 145 -5.61 -0.34 4.08
CA ALA B 145 -4.84 0.81 3.63
C ALA B 145 -5.52 2.12 4.03
N LYS B 146 -6.79 2.27 3.68
CA LYS B 146 -7.48 3.52 4.02
C LYS B 146 -7.65 3.70 5.52
N GLY B 147 -7.77 2.61 6.28
CA GLY B 147 -8.01 2.73 7.70
C GLY B 147 -6.77 3.05 8.51
N THR B 148 -5.59 2.69 8.02
CA THR B 148 -4.33 2.98 8.68
C THR B 148 -3.60 4.15 8.04
N ASN B 149 -4.31 4.97 7.26
CA ASN B 149 -3.71 6.11 6.60
C ASN B 149 -4.01 7.39 7.39
N PRO B 150 -3.09 7.88 8.21
CA PRO B 150 -3.30 9.17 8.87
C PRO B 150 -3.38 10.36 7.92
N LEU B 151 -3.23 10.14 6.62
CA LEU B 151 -3.41 11.20 5.63
C LEU B 151 -4.84 11.30 5.12
N GLU B 152 -5.70 10.36 5.50
CA GLU B 152 -7.09 10.41 5.04
C GLU B 152 -7.77 11.66 5.55
N GLN B 153 -8.39 12.41 4.63
CA GLN B 153 -9.11 13.62 5.02
C GLN B 153 -10.25 13.28 5.98
N ASP B 154 -10.94 12.18 5.71
CA ASP B 154 -12.02 11.69 6.56
C ASP B 154 -11.47 11.14 7.87
N SER B 155 -12.39 10.95 8.82
CA SER B 155 -12.19 10.01 9.91
C SER B 155 -12.96 8.72 9.69
N THR B 156 -13.81 8.69 8.67
CA THR B 156 -14.69 7.56 8.39
C THR B 156 -13.93 6.24 8.31
N PHE B 157 -12.85 6.20 7.53
CA PHE B 157 -12.24 4.92 7.17
C PHE B 157 -11.45 4.29 8.29
N ALA B 158 -10.87 5.08 9.19
CA ALA B 158 -10.25 4.50 10.38
C ALA B 158 -11.28 3.74 11.21
N GLU B 159 -12.47 4.32 11.36
CA GLU B 159 -13.54 3.65 12.09
C GLU B 159 -14.02 2.41 11.34
N LEU B 160 -14.34 2.56 10.05
CA LEU B 160 -14.71 1.40 9.25
C LEU B 160 -13.73 0.26 9.44
N TRP B 161 -12.43 0.57 9.41
CA TRP B 161 -11.42 -0.46 9.62
C TRP B 161 -11.50 -1.02 11.04
N ARG B 162 -11.76 -0.15 12.02
CA ARG B 162 -11.89 -0.63 13.40
C ARG B 162 -12.95 -1.71 13.51
N THR B 163 -14.07 -1.55 12.81
CA THR B 163 -15.13 -2.56 12.88
C THR B 163 -14.82 -3.76 11.99
N ILE B 164 -14.28 -3.53 10.80
CA ILE B 164 -14.06 -4.63 9.85
C ILE B 164 -13.03 -5.61 10.38
N SER B 165 -11.88 -5.10 10.82
CA SER B 165 -10.75 -5.94 11.21
C SER B 165 -10.82 -6.41 12.65
N LYS B 166 -11.94 -6.20 13.32
CA LYS B 166 -12.07 -6.58 14.72
C LYS B 166 -11.81 -8.08 14.88
N ASN B 167 -10.91 -8.41 15.81
CA ASN B 167 -10.50 -9.79 16.07
C ASN B 167 -10.04 -10.47 14.79
N GLY B 168 -9.09 -9.82 14.10
CA GLY B 168 -8.55 -10.37 12.87
C GLY B 168 -9.57 -10.49 11.77
N GLY B 169 -10.72 -9.85 11.93
CA GLY B 169 -11.80 -10.00 10.98
C GLY B 169 -12.75 -11.15 11.26
N ALA B 170 -12.60 -11.80 12.41
CA ALA B 170 -13.45 -12.96 12.71
C ALA B 170 -14.89 -12.51 13.00
N ASP B 171 -15.05 -11.38 13.66
CA ASP B 171 -16.37 -10.99 14.14
C ASP B 171 -17.28 -10.56 13.00
N ASN B 172 -16.76 -9.75 12.06
CA ASN B 172 -17.60 -9.04 11.12
C ASN B 172 -17.35 -9.36 9.65
N CYS B 173 -16.35 -10.18 9.32
CA CYS B 173 -16.08 -10.54 7.94
C CYS B 173 -16.57 -11.95 7.64
N VAL B 174 -16.65 -12.26 6.34
CA VAL B 174 -17.10 -13.56 5.88
C VAL B 174 -15.99 -14.21 5.06
N SER B 175 -16.22 -15.46 4.64
CA SER B 175 -15.19 -16.22 3.93
C SER B 175 -15.36 -16.19 2.42
N ASN B 176 -16.53 -15.85 1.91
CA ASN B 176 -16.77 -15.82 0.47
C ASN B 176 -17.94 -14.88 0.19
N PRO B 177 -18.12 -14.47 -1.06
CA PRO B 177 -19.21 -13.53 -1.37
C PRO B 177 -20.59 -14.06 -1.04
N SER B 178 -20.84 -15.36 -1.21
CA SER B 178 -22.16 -15.91 -0.91
C SER B 178 -22.50 -15.72 0.56
N GLU B 179 -21.55 -15.99 1.45
CA GLU B 179 -21.79 -15.85 2.88
C GLU B 179 -22.13 -14.40 3.23
N GLY B 180 -21.44 -13.44 2.60
CA GLY B 180 -21.72 -12.04 2.90
C GLY B 180 -23.06 -11.59 2.35
N ILE B 181 -23.38 -11.99 1.13
CA ILE B 181 -24.68 -11.67 0.54
C ILE B 181 -25.79 -12.22 1.42
N ARG B 182 -25.66 -13.47 1.87
CA ARG B 182 -26.71 -14.10 2.66
C ARG B 182 -26.81 -13.48 4.05
N LYS B 183 -25.67 -13.09 4.65
CA LYS B 183 -25.74 -12.42 5.94
C LYS B 183 -26.39 -11.05 5.81
N ALA B 184 -26.15 -10.35 4.70
CA ALA B 184 -26.77 -9.04 4.51
C ALA B 184 -28.26 -9.18 4.21
N LYS B 185 -28.68 -10.25 3.53
CA LYS B 185 -30.10 -10.47 3.31
C LYS B 185 -30.85 -10.73 4.60
N LYS B 186 -30.17 -11.29 5.60
CA LYS B 186 -30.82 -11.59 6.87
C LYS B 186 -31.05 -10.34 7.72
N GLY B 187 -30.44 -9.22 7.37
CA GLY B 187 -30.62 -7.98 8.10
C GLY B 187 -29.53 -7.76 9.14
N ASN B 188 -29.43 -6.51 9.58
CA ASN B 188 -28.43 -6.10 10.57
C ASN B 188 -27.01 -6.49 10.14
N TYR B 189 -26.71 -6.27 8.86
CA TYR B 189 -25.36 -6.49 8.35
C TYR B 189 -25.21 -5.79 7.01
N ALA B 190 -24.05 -5.18 6.80
CA ALA B 190 -23.67 -4.59 5.52
C ALA B 190 -22.48 -5.33 4.96
N PHE B 191 -22.59 -5.79 3.72
CA PHE B 191 -21.53 -6.55 3.06
C PHE B 191 -20.85 -5.65 2.04
N LEU B 192 -19.56 -5.38 2.25
CA LEU B 192 -18.79 -4.49 1.38
C LEU B 192 -18.07 -5.31 0.33
N TRP B 193 -18.42 -5.12 -0.94
CA TRP B 193 -17.89 -5.98 -1.98
C TRP B 193 -18.16 -5.37 -3.36
N ASP B 194 -17.54 -5.98 -4.38
CA ASP B 194 -17.71 -5.60 -5.77
C ASP B 194 -19.14 -5.12 -6.06
N VAL B 195 -19.26 -3.92 -6.62
CA VAL B 195 -20.58 -3.35 -6.89
C VAL B 195 -21.33 -4.19 -7.93
N ALA B 196 -20.61 -4.75 -8.90
CA ALA B 196 -21.28 -5.52 -9.95
C ALA B 196 -21.87 -6.81 -9.38
N VAL B 197 -21.06 -7.56 -8.62
CA VAL B 197 -21.53 -8.81 -8.03
C VAL B 197 -22.70 -8.54 -7.09
N VAL B 198 -22.49 -7.65 -6.13
CA VAL B 198 -23.50 -7.35 -5.12
C VAL B 198 -24.77 -6.82 -5.78
N GLU B 199 -24.62 -5.95 -6.77
CA GLU B 199 -25.78 -5.39 -7.45
C GLU B 199 -26.55 -6.47 -8.20
N TYR B 200 -25.84 -7.42 -8.81
CA TYR B 200 -26.52 -8.56 -9.41
C TYR B 200 -27.27 -9.36 -8.34
N ALA B 201 -26.68 -9.50 -7.16
CA ALA B 201 -27.36 -10.21 -6.08
C ALA B 201 -28.64 -9.49 -5.67
N ALA B 202 -28.62 -8.16 -5.71
CA ALA B 202 -29.82 -7.40 -5.38
C ALA B 202 -30.88 -7.53 -6.46
N LEU B 203 -30.47 -7.52 -7.73
CA LEU B 203 -31.43 -7.61 -8.83
C LEU B 203 -32.12 -8.96 -8.86
N THR B 204 -31.45 -10.02 -8.40
CA THR B 204 -31.99 -11.37 -8.44
C THR B 204 -32.53 -11.85 -7.10
N ASP B 205 -32.67 -10.96 -6.12
CA ASP B 205 -33.14 -11.36 -4.80
C ASP B 205 -34.59 -11.82 -4.87
N ASP B 206 -34.86 -13.00 -4.32
CA ASP B 206 -36.21 -13.56 -4.40
C ASP B 206 -37.22 -12.69 -3.67
N ASP B 207 -36.86 -12.21 -2.48
CA ASP B 207 -37.73 -11.33 -1.72
C ASP B 207 -37.57 -9.87 -2.10
N CYS B 208 -36.61 -9.53 -2.95
CA CYS B 208 -36.32 -8.13 -3.27
C CYS B 208 -36.16 -7.32 -1.99
N SER B 209 -35.41 -7.89 -1.05
CA SER B 209 -35.27 -7.33 0.28
C SER B 209 -33.99 -6.54 0.49
N VAL B 210 -33.06 -6.57 -0.46
CA VAL B 210 -31.76 -5.93 -0.28
C VAL B 210 -31.59 -4.85 -1.35
N THR B 211 -30.62 -3.97 -1.08
CA THR B 211 -30.27 -2.90 -2.00
C THR B 211 -28.79 -2.58 -1.87
N VAL B 212 -28.30 -1.86 -2.86
CA VAL B 212 -26.91 -1.42 -2.93
C VAL B 212 -26.88 0.08 -2.74
N ILE B 213 -26.04 0.55 -1.83
CA ILE B 213 -25.86 1.99 -1.68
C ILE B 213 -24.98 2.53 -2.79
N GLY B 214 -24.01 1.74 -3.22
CA GLY B 214 -23.09 2.20 -4.24
C GLY B 214 -22.08 3.12 -3.59
N ASN B 215 -22.22 4.43 -3.81
CA ASN B 215 -21.24 5.39 -3.31
C ASN B 215 -19.83 4.89 -3.57
N SER B 216 -19.70 4.16 -4.69
CA SER B 216 -18.54 3.32 -4.96
C SER B 216 -17.22 3.98 -4.56
N ILE B 217 -16.37 3.18 -3.92
CA ILE B 217 -14.99 3.54 -3.61
C ILE B 217 -14.10 2.44 -4.16
N SER B 218 -12.79 2.70 -4.21
CA SER B 218 -11.83 1.78 -4.81
C SER B 218 -12.16 1.51 -6.27
N SER B 219 -12.43 2.59 -7.01
CA SER B 219 -12.87 2.46 -8.39
C SER B 219 -11.73 2.00 -9.29
N LYS B 220 -11.87 0.81 -9.86
CA LYS B 220 -10.94 0.28 -10.85
C LYS B 220 -11.67 0.03 -12.16
N GLY B 221 -11.10 -0.80 -13.02
CA GLY B 221 -11.78 -1.21 -14.23
C GLY B 221 -11.59 -2.69 -14.47
N TYR B 222 -12.61 -3.29 -15.09
CA TYR B 222 -12.50 -4.66 -15.59
C TYR B 222 -11.91 -4.64 -16.99
N GLY B 223 -10.88 -5.47 -17.21
CA GLY B 223 -10.23 -5.53 -18.50
C GLY B 223 -9.98 -6.97 -18.92
N ILE B 224 -9.57 -7.10 -20.18
CA ILE B 224 -9.13 -8.38 -20.72
C ILE B 224 -7.61 -8.45 -20.59
N ALA B 225 -7.11 -9.55 -20.03
CA ALA B 225 -5.68 -9.76 -19.85
C ALA B 225 -5.15 -10.58 -21.01
N LEU B 226 -4.00 -10.16 -21.55
CA LEU B 226 -3.34 -10.87 -22.64
C LEU B 226 -1.88 -11.11 -22.25
N GLN B 227 -1.22 -11.97 -23.01
CA GLN B 227 0.19 -12.23 -22.77
C GLN B 227 0.98 -10.93 -22.87
N HIS B 228 2.06 -10.85 -22.08
CA HIS B 228 2.95 -9.71 -22.16
C HIS B 228 3.47 -9.56 -23.58
N GLY B 229 3.38 -8.35 -24.11
CA GLY B 229 3.80 -8.11 -25.48
C GLY B 229 2.89 -8.72 -26.52
N SER B 230 1.62 -8.95 -26.18
CA SER B 230 0.70 -9.56 -27.13
C SER B 230 0.45 -8.60 -28.29
N PRO B 231 0.42 -9.09 -29.53
CA PRO B 231 0.12 -8.22 -30.68
C PRO B 231 -1.36 -7.92 -30.88
N TYR B 232 -2.24 -8.51 -30.08
CA TYR B 232 -3.68 -8.30 -30.23
C TYR B 232 -4.23 -7.27 -29.24
N ARG B 233 -3.45 -6.86 -28.25
CA ARG B 233 -3.98 -6.02 -27.19
C ARG B 233 -4.51 -4.70 -27.73
N ASP B 234 -3.78 -4.06 -28.64
CA ASP B 234 -4.22 -2.78 -29.18
C ASP B 234 -5.53 -2.94 -29.96
N LEU B 235 -5.64 -4.02 -30.73
CA LEU B 235 -6.88 -4.28 -31.47
C LEU B 235 -8.04 -4.48 -30.50
N PHE B 236 -7.85 -5.30 -29.47
CA PHE B 236 -8.89 -5.51 -28.49
C PHE B 236 -9.31 -4.20 -27.83
N SER B 237 -8.34 -3.39 -27.40
CA SER B 237 -8.67 -2.12 -26.77
C SER B 237 -9.50 -1.25 -27.70
N GLN B 238 -9.03 -1.05 -28.92
CA GLN B 238 -9.74 -0.17 -29.85
C GLN B 238 -11.15 -0.68 -30.10
N ARG B 239 -11.30 -1.99 -30.37
CA ARG B 239 -12.63 -2.55 -30.58
C ARG B 239 -13.52 -2.34 -29.36
N ILE B 240 -12.94 -2.40 -28.17
CA ILE B 240 -13.72 -2.15 -26.96
C ILE B 240 -14.21 -0.71 -26.93
N LEU B 241 -13.32 0.25 -27.20
CA LEU B 241 -13.72 1.65 -27.24
C LEU B 241 -14.84 1.85 -28.25
N GLU B 242 -14.77 1.16 -29.38
CA GLU B 242 -15.80 1.29 -30.40
C GLU B 242 -17.11 0.62 -29.97
N LEU B 243 -17.03 -0.46 -29.21
CA LEU B 243 -18.24 -1.07 -28.67
C LEU B 243 -18.92 -0.14 -27.67
N GLN B 244 -18.15 0.53 -26.82
CA GLN B 244 -18.73 1.55 -25.96
C GLN B 244 -19.35 2.68 -26.79
N ASP B 245 -18.59 3.20 -27.76
CA ASP B 245 -19.06 4.35 -28.53
C ASP B 245 -20.25 4.01 -29.42
N THR B 246 -20.48 2.74 -29.72
CA THR B 246 -21.59 2.35 -30.57
C THR B 246 -22.85 2.04 -29.77
N GLY B 247 -22.73 1.89 -28.46
CA GLY B 247 -23.87 1.62 -27.60
C GLY B 247 -24.05 0.16 -27.26
N ASP B 248 -23.26 -0.74 -27.85
CA ASP B 248 -23.47 -2.17 -27.64
C ASP B 248 -23.04 -2.61 -26.25
N LEU B 249 -21.96 -2.01 -25.74
CA LEU B 249 -21.46 -2.40 -24.42
C LEU B 249 -22.51 -2.14 -23.34
N ASP B 250 -23.18 -0.99 -23.43
CA ASP B 250 -24.26 -0.68 -22.49
C ASP B 250 -25.45 -1.62 -22.70
N VAL B 251 -25.69 -2.05 -23.94
CA VAL B 251 -26.77 -3.00 -24.21
C VAL B 251 -26.49 -4.32 -23.50
N LEU B 252 -25.26 -4.81 -23.58
CA LEU B 252 -24.91 -6.04 -22.87
C LEU B 252 -24.98 -5.84 -21.37
N LYS B 253 -24.53 -4.68 -20.89
CA LYS B 253 -24.64 -4.39 -19.46
C LYS B 253 -26.10 -4.48 -19.00
N GLN B 254 -27.00 -3.85 -19.73
CA GLN B 254 -28.42 -3.96 -19.40
C GLN B 254 -28.91 -5.39 -19.56
N LYS B 255 -28.28 -6.16 -20.44
CA LYS B 255 -28.67 -7.55 -20.64
C LYS B 255 -28.41 -8.38 -19.38
N TRP B 256 -27.22 -8.25 -18.81
CA TRP B 256 -26.86 -9.07 -17.66
C TRP B 256 -27.08 -8.41 -16.31
N TRP B 257 -27.41 -7.12 -16.29
CA TRP B 257 -27.85 -6.43 -15.08
C TRP B 257 -29.17 -5.75 -15.37
N PRO B 258 -30.26 -6.52 -15.47
CA PRO B 258 -31.54 -5.94 -15.92
C PRO B 258 -32.12 -4.98 -14.90
N HIS B 259 -32.55 -3.82 -15.37
CA HIS B 259 -33.18 -2.81 -14.52
C HIS B 259 -34.65 -2.66 -14.87
S SO4 C . 8.75 -2.41 17.75
O1 SO4 C . 8.96 -0.97 17.78
O2 SO4 C . 7.61 -2.75 18.62
O3 SO4 C . 8.47 -2.85 16.39
O4 SO4 C . 9.94 -3.09 18.24
S SO4 D . 10.13 9.21 0.33
O1 SO4 D . 9.68 10.54 -0.05
O2 SO4 D . 9.59 8.87 1.65
O3 SO4 D . 9.65 8.24 -0.66
O4 SO4 D . 11.59 9.19 0.37
S SO4 E . 3.55 10.86 20.11
O1 SO4 E . 3.10 12.25 20.18
O2 SO4 E . 2.63 10.01 20.88
O3 SO4 E . 3.56 10.41 18.72
O4 SO4 E . 4.90 10.75 20.67
S SO4 F . -6.07 -15.64 -5.95
O1 SO4 F . -5.41 -14.39 -5.59
O2 SO4 F . -6.67 -16.22 -4.75
O3 SO4 F . -7.11 -15.37 -6.94
O4 SO4 F . -5.10 -16.56 -6.51
S SO4 G . -8.65 2.15 -18.99
O1 SO4 G . -9.38 3.34 -18.57
O2 SO4 G . -8.47 1.25 -17.85
O3 SO4 G . -9.41 1.47 -20.04
O4 SO4 G . -7.34 2.53 -19.52
#